data_1Q6Y
#
_entry.id   1Q6Y
#
_cell.length_a   92.117
_cell.length_b   66.779
_cell.length_c   73.049
_cell.angle_alpha   90.00
_cell.angle_beta   108.73
_cell.angle_gamma   90.00
#
_symmetry.space_group_name_H-M   'C 1 2 1'
#
loop_
_entity.id
_entity.type
_entity.pdbx_description
1 polymer 'Hypothetical protein yfdW'
2 non-polymer 'COENZYME A'
3 non-polymer (4S)-2-METHYL-2,4-PENTANEDIOL
4 water water
#
_entity_poly.entity_id   1
_entity_poly.type   'polypeptide(L)'
_entity_poly.pdbx_seq_one_letter_code
;MSLSTPLQGIKVLDFTGVQSGPSCTQMLAWFGADVIKIERPGVGDVTRHQLRDIPDIDALYFTMLNSNKRSIELNTKTAE
GKEVMEKLIREADILVENFHPGAIDHMGFTWEHIQEINPRLIFGSIKGFDECSPYVNVKAYENVAQAAGGAASTTGFWDG
PPLVSAAALGDSNTGMHLLIGLLAALLHREKTGRGQRVTMSMQDAVLNLCRVKLRDQQRLDKLGYLEEYPQYPNGTFGDA
VPRGGNAGGGGQPGWILKCKGWETDPNAYIYFTIQEQNWENTCKAIGKPEWITDPAYSTAHARQPHIFDIFAEIEKYTVT
IDKHEAVAYLTQFDIPCAPVLSMKEISLDPSLRQSGSVVEVEQPLRGKYLTVGCPMKFSAFTPDIKAAPLLGEHTAAVLQ
ELGYSDDEIAAMKQNHAIEGGSHHHHHH
;
_entity_poly.pdbx_strand_id   A
#
# COMPACT_ATOMS: atom_id res chain seq x y z
N LEU A 3 -9.08 -3.22 -26.01
CA LEU A 3 -8.32 -3.23 -27.25
C LEU A 3 -6.81 -3.26 -27.01
N SER A 4 -6.30 -2.33 -26.21
CA SER A 4 -4.89 -2.37 -25.92
C SER A 4 -4.69 -1.99 -24.49
N THR A 5 -3.57 -2.37 -23.91
CA THR A 5 -3.26 -2.04 -22.50
C THR A 5 -1.89 -1.47 -22.47
N PRO A 6 -1.54 -0.73 -21.41
CA PRO A 6 -0.24 -0.08 -21.33
C PRO A 6 0.98 -0.98 -21.50
N LEU A 7 0.89 -2.15 -20.95
CA LEU A 7 2.03 -3.08 -20.90
C LEU A 7 1.83 -4.35 -21.69
N GLN A 8 0.88 -4.37 -22.60
CA GLN A 8 0.78 -5.57 -23.45
C GLN A 8 2.12 -5.92 -24.07
N GLY A 9 2.46 -7.18 -24.02
CA GLY A 9 3.73 -7.65 -24.53
C GLY A 9 4.86 -7.68 -23.51
N ILE A 10 4.70 -7.00 -22.37
CA ILE A 10 5.74 -6.97 -21.34
C ILE A 10 5.68 -8.28 -20.56
N LYS A 11 6.85 -8.88 -20.39
CA LYS A 11 6.99 -10.12 -19.69
C LYS A 11 7.67 -9.87 -18.35
N VAL A 12 7.00 -10.24 -17.28
CA VAL A 12 7.45 -10.01 -15.92
C VAL A 12 7.66 -11.33 -15.16
N LEU A 13 8.81 -11.37 -14.47
CA LEU A 13 9.13 -12.46 -13.55
C LEU A 13 8.88 -11.95 -12.11
N ASP A 14 7.91 -12.58 -11.45
CA ASP A 14 7.43 -12.30 -10.10
C ASP A 14 8.03 -13.35 -9.11
N PHE A 15 9.18 -12.98 -8.61
N PHE A 15 9.24 -13.08 -8.66
CA PHE A 15 9.98 -13.74 -7.70
CA PHE A 15 9.99 -13.90 -7.73
C PHE A 15 9.82 -13.16 -6.30
C PHE A 15 9.84 -13.28 -6.31
N THR A 16 8.60 -13.22 -5.85
CA THR A 16 8.24 -12.41 -4.65
C THR A 16 7.36 -13.18 -3.70
N GLY A 17 7.25 -12.66 -2.50
CA GLY A 17 6.42 -13.23 -1.45
C GLY A 17 5.77 -12.16 -0.61
N VAL A 18 4.75 -12.58 0.12
CA VAL A 18 4.10 -11.69 1.07
C VAL A 18 3.34 -10.55 0.36
N GLN A 19 3.56 -9.27 0.69
CA GLN A 19 2.68 -8.24 0.19
C GLN A 19 3.37 -7.18 -0.66
N SER A 20 4.53 -6.72 -0.24
CA SER A 20 5.27 -5.59 -0.89
C SER A 20 5.52 -5.96 -2.36
N GLY A 21 6.24 -7.01 -2.58
CA GLY A 21 6.56 -7.45 -3.94
C GLY A 21 5.30 -7.84 -4.70
N PRO A 22 4.45 -8.75 -4.18
CA PRO A 22 3.24 -9.14 -4.90
C PRO A 22 2.28 -8.02 -5.29
N SER A 23 2.15 -6.97 -4.47
CA SER A 23 1.31 -5.86 -4.79
C SER A 23 1.77 -5.11 -6.06
N CYS A 24 3.08 -4.95 -6.18
CA CYS A 24 3.64 -4.32 -7.35
C CYS A 24 3.32 -5.12 -8.61
N THR A 25 3.58 -6.41 -8.55
CA THR A 25 3.38 -7.22 -9.73
C THR A 25 1.95 -7.47 -10.11
N GLN A 26 1.03 -7.55 -9.15
CA GLN A 26 -0.36 -7.65 -9.48
C GLN A 26 -0.76 -6.46 -10.38
N MET A 27 -0.35 -5.26 -10.00
CA MET A 27 -0.63 -4.09 -10.84
C MET A 27 -0.03 -4.13 -12.23
N LEU A 28 1.20 -4.64 -12.35
CA LEU A 28 1.76 -4.93 -13.66
C LEU A 28 0.85 -5.82 -14.58
N ALA A 29 0.28 -6.88 -14.00
CA ALA A 29 -0.65 -7.79 -14.68
C ALA A 29 -1.93 -7.02 -15.08
N TRP A 30 -2.42 -6.20 -14.15
CA TRP A 30 -3.61 -5.37 -14.42
C TRP A 30 -3.38 -4.31 -15.54
N PHE A 31 -2.12 -3.92 -15.78
CA PHE A 31 -1.79 -3.02 -16.86
C PHE A 31 -1.48 -3.77 -18.15
N GLY A 32 -1.56 -5.09 -18.10
CA GLY A 32 -1.53 -5.89 -19.31
C GLY A 32 -0.33 -6.73 -19.43
N ALA A 33 0.60 -6.64 -18.48
CA ALA A 33 1.79 -7.52 -18.53
C ALA A 33 1.49 -8.98 -18.27
N ASP A 34 2.34 -9.85 -18.78
CA ASP A 34 2.23 -11.26 -18.48
C ASP A 34 3.12 -11.44 -17.28
N VAL A 35 2.52 -11.80 -16.14
CA VAL A 35 3.28 -11.89 -14.87
C VAL A 35 3.34 -13.37 -14.47
N ILE A 36 4.56 -13.86 -14.44
CA ILE A 36 4.84 -15.26 -14.11
C ILE A 36 5.41 -15.30 -12.68
N LYS A 37 4.67 -15.78 -11.74
CA LYS A 37 5.09 -15.88 -10.36
C LYS A 37 5.89 -17.16 -10.24
N ILE A 38 7.08 -17.07 -9.66
CA ILE A 38 8.03 -18.12 -9.59
C ILE A 38 8.06 -18.48 -8.14
N GLU A 39 7.63 -19.69 -7.81
CA GLU A 39 7.33 -20.07 -6.43
C GLU A 39 8.07 -21.40 -6.08
N ARG A 40 8.51 -21.56 -4.86
CA ARG A 40 9.16 -22.79 -4.50
C ARG A 40 8.19 -23.96 -4.54
N PRO A 41 8.65 -25.08 -5.06
CA PRO A 41 7.79 -26.25 -5.24
C PRO A 41 7.10 -26.72 -3.95
N GLY A 42 5.81 -26.99 -4.00
CA GLY A 42 5.13 -27.63 -2.89
C GLY A 42 4.57 -26.73 -1.82
N VAL A 43 5.20 -25.57 -1.57
CA VAL A 43 4.63 -24.62 -0.61
C VAL A 43 4.21 -23.28 -1.22
N GLY A 44 5.05 -22.76 -2.11
CA GLY A 44 4.78 -21.54 -2.79
C GLY A 44 4.83 -20.39 -1.82
N ASP A 45 4.29 -19.27 -2.27
CA ASP A 45 4.17 -18.04 -1.51
C ASP A 45 3.54 -18.31 -0.17
N VAL A 46 4.23 -17.90 0.90
CA VAL A 46 3.75 -18.08 2.27
C VAL A 46 2.27 -17.62 2.44
N THR A 47 1.85 -16.60 1.69
CA THR A 47 0.48 -16.06 1.83
C THR A 47 -0.61 -17.06 1.47
N ARG A 48 -0.25 -18.09 0.70
CA ARG A 48 -1.21 -19.13 0.34
C ARG A 48 -1.73 -19.84 1.59
N HIS A 49 -0.89 -19.94 2.60
CA HIS A 49 -1.24 -20.66 3.81
C HIS A 49 -1.43 -19.83 5.04
N GLN A 50 -1.30 -18.52 4.93
CA GLN A 50 -1.52 -17.69 6.15
C GLN A 50 -2.90 -17.11 6.28
N LEU A 51 -3.48 -17.23 7.47
CA LEU A 51 -4.79 -16.64 7.76
C LEU A 51 -5.87 -17.24 6.85
N ARG A 52 -5.78 -18.56 6.62
CA ARG A 52 -6.81 -19.26 5.85
C ARG A 52 -8.15 -19.18 6.60
N ASP A 53 -9.19 -18.98 5.85
CA ASP A 53 -10.55 -19.05 6.31
C ASP A 53 -11.25 -20.34 5.80
N ILE A 54 -10.70 -21.02 4.81
CA ILE A 54 -11.21 -22.31 4.34
C ILE A 54 -10.03 -23.26 4.30
N PRO A 55 -10.21 -24.43 4.93
CA PRO A 55 -9.21 -25.49 4.84
C PRO A 55 -8.70 -25.78 3.45
N ASP A 56 -7.43 -26.03 3.40
CA ASP A 56 -6.62 -26.44 2.26
C ASP A 56 -6.65 -25.57 1.02
N ILE A 57 -7.39 -24.48 0.91
CA ILE A 57 -7.26 -23.69 -0.28
C ILE A 57 -6.48 -22.39 -0.01
N ASP A 58 -5.97 -21.80 -1.07
CA ASP A 58 -5.26 -20.56 -0.95
C ASP A 58 -6.01 -19.53 -0.14
N ALA A 59 -5.26 -18.91 0.77
CA ALA A 59 -5.83 -17.91 1.63
C ALA A 59 -6.16 -16.61 0.87
N LEU A 60 -7.13 -15.83 1.36
CA LEU A 60 -7.40 -14.49 0.89
C LEU A 60 -6.18 -13.62 0.83
N TYR A 61 -5.24 -13.86 1.72
CA TYR A 61 -4.01 -13.07 1.71
C TYR A 61 -3.36 -13.20 0.33
N PHE A 62 -3.32 -14.43 -0.19
CA PHE A 62 -2.77 -14.78 -1.47
C PHE A 62 -3.66 -14.32 -2.60
N THR A 63 -4.96 -14.53 -2.50
CA THR A 63 -5.84 -14.32 -3.68
C THR A 63 -6.01 -12.84 -3.98
N MET A 64 -5.89 -11.99 -2.94
CA MET A 64 -6.07 -10.57 -3.06
C MET A 64 -4.79 -9.83 -3.52
N LEU A 65 -3.67 -10.55 -3.55
CA LEU A 65 -2.42 -9.99 -3.98
C LEU A 65 -1.83 -10.61 -5.23
N ASN A 66 -2.49 -11.66 -5.75
CA ASN A 66 -1.94 -12.37 -6.89
C ASN A 66 -2.93 -12.64 -8.05
N SER A 67 -3.97 -11.82 -8.15
CA SER A 67 -4.87 -11.88 -9.30
C SER A 67 -4.09 -11.69 -10.63
N ASN A 68 -4.51 -12.43 -11.67
CA ASN A 68 -4.06 -12.24 -13.03
C ASN A 68 -2.63 -12.74 -13.26
N LYS A 69 -2.08 -13.53 -12.36
CA LYS A 69 -0.72 -14.03 -12.50
C LYS A 69 -0.75 -15.47 -12.90
N ARG A 70 0.37 -15.92 -13.49
CA ARG A 70 0.57 -17.33 -13.79
C ARG A 70 1.54 -17.86 -12.75
N SER A 71 1.44 -19.11 -12.36
CA SER A 71 2.32 -19.70 -11.33
C SER A 71 3.11 -20.85 -11.88
N ILE A 72 4.42 -20.76 -11.76
CA ILE A 72 5.29 -21.86 -11.99
C ILE A 72 6.02 -22.25 -10.72
N GLU A 73 6.04 -23.55 -10.44
CA GLU A 73 6.79 -24.11 -9.32
C GLU A 73 8.19 -24.35 -9.80
N LEU A 74 9.19 -23.81 -9.09
CA LEU A 74 10.60 -23.88 -9.53
C LEU A 74 11.54 -23.71 -8.33
N ASN A 75 12.32 -24.74 -8.06
CA ASN A 75 13.38 -24.66 -7.03
C ASN A 75 14.64 -24.06 -7.66
N THR A 76 14.85 -22.77 -7.43
CA THR A 76 16.00 -22.05 -8.04
C THR A 76 17.31 -22.34 -7.29
N LYS A 77 17.27 -23.15 -6.24
CA LYS A 77 18.51 -23.68 -5.66
C LYS A 77 19.03 -24.94 -6.37
N THR A 78 18.29 -25.53 -7.32
CA THR A 78 18.77 -26.71 -7.98
C THR A 78 19.36 -26.27 -9.27
N ALA A 79 20.37 -27.03 -9.71
CA ALA A 79 21.00 -26.71 -10.98
C ALA A 79 19.97 -26.61 -12.12
N GLU A 80 18.95 -27.43 -12.06
CA GLU A 80 17.92 -27.41 -13.10
C GLU A 80 17.01 -26.14 -13.01
N GLY A 81 16.61 -25.82 -11.78
CA GLY A 81 15.85 -24.65 -11.49
C GLY A 81 16.55 -23.40 -11.97
N LYS A 82 17.84 -23.35 -11.72
CA LYS A 82 18.69 -22.27 -12.19
C LYS A 82 18.73 -22.18 -13.70
N GLU A 83 18.81 -23.31 -14.41
CA GLU A 83 18.75 -23.30 -15.89
C GLU A 83 17.47 -22.66 -16.48
N VAL A 84 16.32 -23.06 -15.93
CA VAL A 84 15.04 -22.57 -16.35
C VAL A 84 14.98 -21.07 -16.09
N MET A 85 15.44 -20.71 -14.90
CA MET A 85 15.44 -19.34 -14.41
C MET A 85 16.23 -18.41 -15.30
N GLU A 86 17.39 -18.89 -15.71
CA GLU A 86 18.23 -18.14 -16.57
C GLU A 86 17.51 -17.95 -17.87
N LYS A 87 16.86 -18.99 -18.41
CA LYS A 87 16.10 -18.85 -19.69
C LYS A 87 14.90 -17.87 -19.57
N LEU A 88 14.27 -17.84 -18.40
CA LEU A 88 13.18 -16.94 -18.18
C LEU A 88 13.70 -15.48 -18.18
N ILE A 89 14.88 -15.25 -17.58
CA ILE A 89 15.49 -13.93 -17.46
C ILE A 89 15.90 -13.50 -18.86
N ARG A 90 16.36 -14.44 -19.67
CA ARG A 90 16.67 -14.14 -21.08
C ARG A 90 15.50 -13.61 -21.88
N GLU A 91 14.32 -13.98 -21.55
CA GLU A 91 13.18 -13.63 -22.40
C GLU A 91 12.34 -12.57 -21.71
N ALA A 92 12.69 -12.20 -20.47
CA ALA A 92 11.80 -11.29 -19.71
C ALA A 92 12.21 -9.79 -19.90
N ASP A 93 11.26 -8.87 -19.65
CA ASP A 93 11.50 -7.44 -19.58
C ASP A 93 11.83 -6.95 -18.15
N ILE A 94 11.23 -7.59 -17.14
CA ILE A 94 11.27 -7.18 -15.70
C ILE A 94 11.36 -8.43 -14.78
N LEU A 95 12.24 -8.39 -13.79
CA LEU A 95 12.30 -9.34 -12.70
C LEU A 95 12.10 -8.56 -11.42
N VAL A 96 11.21 -9.02 -10.57
CA VAL A 96 10.98 -8.39 -9.24
C VAL A 96 11.24 -9.43 -8.18
N GLU A 97 11.97 -9.04 -7.12
CA GLU A 97 12.23 -9.90 -6.01
C GLU A 97 12.13 -9.11 -4.71
N ASN A 98 11.66 -9.77 -3.65
CA ASN A 98 11.65 -9.08 -2.33
C ASN A 98 11.98 -10.09 -1.27
N PHE A 99 13.01 -10.92 -1.53
CA PHE A 99 13.36 -11.88 -0.51
C PHE A 99 14.35 -11.25 0.45
N HIS A 100 14.64 -11.96 1.53
CA HIS A 100 15.54 -11.40 2.55
C HIS A 100 16.87 -10.97 1.96
N PRO A 101 17.46 -9.99 2.62
CA PRO A 101 18.74 -9.45 2.13
C PRO A 101 19.74 -10.62 1.83
N GLY A 102 20.42 -10.60 0.67
CA GLY A 102 21.30 -11.70 0.37
C GLY A 102 20.68 -12.89 -0.30
N ALA A 103 19.38 -13.13 -0.14
CA ALA A 103 18.79 -14.36 -0.71
C ALA A 103 19.08 -14.59 -2.23
N ILE A 104 18.63 -13.69 -3.09
CA ILE A 104 18.75 -13.98 -4.51
C ILE A 104 20.23 -13.92 -4.96
N ASP A 105 21.05 -13.11 -4.28
CA ASP A 105 22.51 -13.03 -4.61
C ASP A 105 23.11 -14.42 -4.43
N HIS A 106 22.76 -15.05 -3.31
CA HIS A 106 23.27 -16.38 -2.97
C HIS A 106 22.77 -17.51 -3.89
N MET A 107 21.71 -17.29 -4.66
CA MET A 107 21.36 -18.22 -5.75
C MET A 107 22.18 -18.01 -7.00
N GLY A 108 22.88 -16.88 -7.05
CA GLY A 108 23.69 -16.52 -8.19
C GLY A 108 22.99 -15.57 -9.14
N PHE A 109 21.82 -15.06 -8.76
CA PHE A 109 21.21 -14.04 -9.63
C PHE A 109 21.42 -12.65 -9.04
N THR A 110 22.66 -12.24 -9.16
CA THR A 110 23.10 -10.95 -8.72
C THR A 110 22.75 -10.01 -9.82
N TRP A 111 22.45 -8.76 -9.47
CA TRP A 111 22.21 -7.78 -10.48
C TRP A 111 23.26 -7.92 -11.59
N GLU A 112 24.51 -8.13 -11.21
CA GLU A 112 25.61 -8.09 -12.16
C GLU A 112 25.40 -9.22 -13.16
N HIS A 113 25.00 -10.38 -12.67
CA HIS A 113 24.84 -11.54 -13.57
C HIS A 113 23.60 -11.44 -14.51
N ILE A 114 22.48 -11.04 -13.86
CA ILE A 114 21.20 -10.76 -14.53
C ILE A 114 21.51 -9.86 -15.75
N GLN A 115 22.29 -8.78 -15.54
CA GLN A 115 22.70 -7.87 -16.64
C GLN A 115 23.40 -8.57 -17.82
N GLU A 116 24.20 -9.57 -17.51
CA GLU A 116 24.92 -10.31 -18.55
C GLU A 116 23.98 -11.22 -19.34
N ILE A 117 23.07 -11.90 -18.65
CA ILE A 117 22.01 -12.70 -19.32
C ILE A 117 21.10 -11.82 -20.26
N ASN A 118 20.70 -10.63 -19.79
CA ASN A 118 19.75 -9.78 -20.52
C ASN A 118 19.90 -8.29 -20.16
N PRO A 119 20.63 -7.58 -21.02
CA PRO A 119 20.90 -6.18 -20.82
C PRO A 119 19.71 -5.22 -21.04
N ARG A 120 18.58 -5.73 -21.47
CA ARG A 120 17.35 -5.01 -21.53
C ARG A 120 16.41 -5.21 -20.29
N LEU A 121 16.81 -6.11 -19.40
CA LEU A 121 16.02 -6.41 -18.23
C LEU A 121 16.10 -5.37 -17.13
N ILE A 122 14.93 -4.98 -16.67
CA ILE A 122 14.81 -4.09 -15.56
C ILE A 122 14.64 -4.98 -14.33
N PHE A 123 15.58 -4.88 -13.39
CA PHE A 123 15.53 -5.62 -12.15
C PHE A 123 14.99 -4.77 -11.01
N GLY A 124 13.89 -5.20 -10.37
CA GLY A 124 13.27 -4.48 -9.30
C GLY A 124 13.40 -5.21 -8.00
N SER A 125 13.90 -4.51 -6.95
CA SER A 125 14.21 -5.23 -5.70
C SER A 125 13.70 -4.44 -4.53
N ILE A 126 12.94 -5.10 -3.66
CA ILE A 126 12.49 -4.52 -2.41
C ILE A 126 13.23 -5.17 -1.22
N LYS A 127 13.65 -4.31 -0.32
CA LYS A 127 14.30 -4.73 0.93
C LYS A 127 13.74 -3.82 2.08
N GLY A 128 13.99 -4.23 3.30
CA GLY A 128 13.61 -3.47 4.54
C GLY A 128 14.27 -2.14 4.53
N PHE A 129 15.54 -2.20 4.20
CA PHE A 129 16.37 -1.01 4.25
C PHE A 129 17.31 -0.84 3.06
N ASP A 130 17.79 0.38 2.92
CA ASP A 130 18.78 0.74 1.88
C ASP A 130 20.12 0.05 2.04
N GLU A 131 20.82 0.00 0.92
CA GLU A 131 22.11 -0.67 0.90
C GLU A 131 23.16 -0.06 1.82
N CYS A 132 23.14 1.25 2.06
CA CYS A 132 24.07 1.83 3.03
C CYS A 132 23.51 1.98 4.45
N SER A 133 22.36 1.45 4.72
CA SER A 133 21.85 1.49 6.05
C SER A 133 22.57 0.56 7.00
N PRO A 134 22.75 0.95 8.23
CA PRO A 134 23.25 0.00 9.20
C PRO A 134 22.28 -1.23 9.35
N TYR A 135 21.05 -1.07 8.84
CA TYR A 135 20.04 -2.12 8.99
C TYR A 135 19.86 -2.91 7.69
N VAL A 136 20.78 -2.74 6.76
CA VAL A 136 20.73 -3.41 5.48
C VAL A 136 20.43 -4.94 5.49
N ASN A 137 20.91 -5.65 6.48
CA ASN A 137 20.68 -7.09 6.54
C ASN A 137 19.54 -7.45 7.47
N VAL A 138 18.77 -6.48 7.94
CA VAL A 138 17.65 -6.74 8.86
C VAL A 138 16.36 -7.12 8.11
N LYS A 139 15.60 -8.04 8.73
CA LYS A 139 14.34 -8.46 8.16
C LYS A 139 13.28 -7.51 8.55
N ALA A 140 12.44 -7.29 7.56
CA ALA A 140 11.42 -6.31 7.82
C ALA A 140 10.04 -6.79 7.36
N TYR A 141 9.11 -6.75 8.30
CA TYR A 141 7.69 -6.82 8.04
C TYR A 141 7.10 -5.41 8.23
N GLU A 142 5.91 -5.29 7.66
CA GLU A 142 5.11 -4.06 7.73
C GLU A 142 5.50 -3.07 8.85
N ASN A 143 5.22 -3.47 10.07
CA ASN A 143 5.36 -2.58 11.22
C ASN A 143 6.81 -2.27 11.62
N VAL A 144 7.74 -3.08 11.17
CA VAL A 144 9.12 -2.80 11.46
C VAL A 144 9.51 -1.55 10.66
N ALA A 145 9.01 -1.46 9.44
CA ALA A 145 9.24 -0.31 8.59
C ALA A 145 8.50 0.89 9.08
N GLN A 146 7.30 0.69 9.60
CA GLN A 146 6.53 1.81 10.13
C GLN A 146 7.27 2.44 11.32
N ALA A 147 7.95 1.60 12.06
CA ALA A 147 8.81 2.10 13.17
C ALA A 147 10.09 2.79 12.67
N ALA A 148 10.73 2.20 11.72
CA ALA A 148 11.94 2.80 11.18
C ALA A 148 11.72 4.05 10.36
N GLY A 149 10.50 4.28 9.87
CA GLY A 149 10.27 5.29 8.86
C GLY A 149 9.66 6.60 9.30
N GLY A 150 9.37 6.63 10.63
CA GLY A 150 8.87 7.80 11.37
C GLY A 150 7.36 7.83 11.61
N ALA A 151 6.66 6.85 11.04
CA ALA A 151 5.23 6.81 11.13
C ALA A 151 4.77 6.46 12.55
N ALA A 152 5.28 5.36 13.07
CA ALA A 152 4.89 4.95 14.40
C ALA A 152 5.18 6.07 15.40
N SER A 153 6.33 6.76 15.30
CA SER A 153 6.67 7.83 16.27
C SER A 153 5.66 9.00 16.29
N THR A 154 5.08 9.25 15.12
CA THR A 154 4.20 10.37 14.89
C THR A 154 2.69 10.10 14.89
N THR A 155 2.30 8.83 15.02
CA THR A 155 0.93 8.43 14.97
C THR A 155 0.52 7.97 16.34
N GLY A 156 -0.67 8.34 16.75
CA GLY A 156 -1.27 7.95 18.02
C GLY A 156 -1.43 9.25 18.84
N PHE A 157 -1.50 9.08 20.16
CA PHE A 157 -1.69 10.19 21.10
C PHE A 157 -0.44 10.48 21.86
N TRP A 158 -0.39 11.70 22.34
CA TRP A 158 0.77 12.25 23.02
C TRP A 158 1.12 11.50 24.29
N ASP A 159 0.09 10.96 24.95
CA ASP A 159 0.19 10.20 26.20
C ASP A 159 0.02 8.70 25.99
N GLY A 160 0.13 8.23 24.75
CA GLY A 160 0.05 6.81 24.46
C GLY A 160 1.33 6.40 23.75
N PRO A 161 1.43 5.11 23.46
CA PRO A 161 2.61 4.58 22.79
C PRO A 161 2.61 5.01 21.31
N PRO A 162 3.74 4.90 20.66
CA PRO A 162 3.75 4.97 19.19
C PRO A 162 2.73 3.96 18.70
N LEU A 163 2.12 4.33 17.59
CA LEU A 163 1.09 3.48 17.01
C LEU A 163 1.25 3.18 15.55
N VAL A 164 1.08 1.94 15.24
CA VAL A 164 1.06 1.47 13.84
C VAL A 164 -0.27 1.87 13.18
N SER A 165 -0.14 2.05 11.89
CA SER A 165 -1.26 2.34 11.05
C SER A 165 -1.72 1.05 10.37
N ALA A 166 -3.06 0.99 10.21
CA ALA A 166 -3.70 -0.15 9.56
C ALA A 166 -3.27 -0.21 8.12
N ALA A 167 -3.05 0.97 7.52
CA ALA A 167 -2.58 1.08 6.14
C ALA A 167 -1.24 0.45 6.01
N ALA A 168 -1.07 -0.25 4.90
CA ALA A 168 0.14 -0.96 4.61
C ALA A 168 1.25 0.03 4.15
N LEU A 169 1.77 0.81 5.10
CA LEU A 169 2.83 1.80 4.82
C LEU A 169 4.14 1.15 4.43
N GLY A 170 4.36 -0.03 4.96
CA GLY A 170 5.56 -0.79 4.82
C GLY A 170 5.53 -1.77 3.65
N ASP A 171 4.35 -2.36 3.41
CA ASP A 171 4.10 -3.40 2.39
C ASP A 171 3.61 -2.90 1.05
N SER A 172 2.33 -2.71 0.88
CA SER A 172 1.73 -2.35 -0.44
C SER A 172 2.24 -1.00 -0.87
N ASN A 173 2.47 -0.10 0.13
CA ASN A 173 3.02 1.18 -0.16
C ASN A 173 4.42 1.08 -0.82
N THR A 174 5.28 0.21 -0.26
CA THR A 174 6.60 -0.05 -0.82
C THR A 174 6.43 -0.62 -2.26
N GLY A 175 5.50 -1.58 -2.44
CA GLY A 175 5.12 -2.10 -3.76
C GLY A 175 4.73 -1.06 -4.81
N MET A 176 3.99 -0.04 -4.39
CA MET A 176 3.54 1.06 -5.22
C MET A 176 4.69 1.93 -5.67
N HIS A 177 5.62 2.16 -4.72
CA HIS A 177 6.82 2.90 -4.97
C HIS A 177 7.70 2.16 -5.96
N LEU A 178 7.99 0.87 -5.78
CA LEU A 178 8.78 0.12 -6.80
C LEU A 178 8.13 0.19 -8.12
N LEU A 179 6.83 0.04 -8.09
CA LEU A 179 6.02 0.11 -9.35
C LEU A 179 6.29 1.38 -10.15
N ILE A 180 6.32 2.51 -9.46
CA ILE A 180 6.70 3.78 -10.05
C ILE A 180 8.10 3.74 -10.72
N GLY A 181 9.08 3.19 -10.00
CA GLY A 181 10.40 3.03 -10.57
C GLY A 181 10.44 2.13 -11.79
N LEU A 182 9.70 1.04 -11.74
CA LEU A 182 9.69 0.10 -12.86
C LEU A 182 9.11 0.68 -14.11
N LEU A 183 8.05 1.47 -13.92
CA LEU A 183 7.46 2.12 -15.07
C LEU A 183 8.34 3.23 -15.67
N ALA A 184 9.02 3.94 -14.79
CA ALA A 184 10.01 4.94 -15.16
C ALA A 184 11.21 4.31 -15.88
N ALA A 185 11.61 3.07 -15.47
CA ALA A 185 12.68 2.37 -16.13
C ALA A 185 12.27 1.90 -17.53
N LEU A 186 11.01 1.58 -17.66
CA LEU A 186 10.46 1.17 -18.96
C LEU A 186 10.50 2.33 -19.94
N LEU A 187 10.18 3.53 -19.46
CA LEU A 187 10.26 4.68 -20.29
C LEU A 187 11.68 5.01 -20.63
N HIS A 188 12.57 4.95 -19.64
CA HIS A 188 13.99 5.20 -19.84
C HIS A 188 14.61 4.24 -20.89
N ARG A 189 14.25 2.97 -20.85
CA ARG A 189 14.73 1.98 -21.80
C ARG A 189 14.28 2.28 -23.24
N GLU A 190 13.15 2.94 -23.40
CA GLU A 190 12.75 3.41 -24.72
C GLU A 190 13.76 4.37 -25.36
N LYS A 191 14.59 5.03 -24.55
CA LYS A 191 15.61 5.95 -25.05
C LYS A 191 17.02 5.35 -25.04
N THR A 192 17.35 4.58 -24.03
CA THR A 192 18.71 4.06 -23.93
C THR A 192 18.88 2.66 -24.55
N GLY A 193 17.80 1.95 -24.79
CA GLY A 193 17.87 0.52 -25.13
C GLY A 193 18.30 -0.44 -24.01
N ARG A 194 18.46 0.07 -22.78
CA ARG A 194 18.99 -0.69 -21.65
C ARG A 194 18.03 -0.77 -20.43
N GLY A 195 18.08 -1.89 -19.72
CA GLY A 195 17.41 -2.05 -18.46
C GLY A 195 18.31 -1.43 -17.43
N GLN A 196 17.88 -1.51 -16.21
CA GLN A 196 18.64 -1.00 -15.10
C GLN A 196 18.04 -1.64 -13.88
N ARG A 197 18.61 -1.33 -12.72
CA ARG A 197 18.15 -1.88 -11.47
C ARG A 197 17.42 -0.78 -10.73
N VAL A 198 16.31 -1.13 -10.11
CA VAL A 198 15.50 -0.20 -9.34
C VAL A 198 15.35 -0.81 -7.99
N THR A 199 15.83 -0.13 -6.95
CA THR A 199 15.63 -0.64 -5.59
C THR A 199 14.67 0.23 -4.80
N MET A 200 13.90 -0.38 -3.89
CA MET A 200 13.05 0.37 -3.01
C MET A 200 13.06 -0.22 -1.63
N SER A 201 13.37 0.60 -0.58
CA SER A 201 13.29 0.10 0.78
C SER A 201 11.98 0.41 1.44
N MET A 202 11.57 -0.46 2.31
CA MET A 202 10.34 -0.21 2.98
C MET A 202 10.47 1.01 3.90
N GLN A 203 11.66 1.23 4.44
CA GLN A 203 11.85 2.40 5.32
C GLN A 203 11.65 3.69 4.51
N ASP A 204 12.20 3.72 3.27
CA ASP A 204 12.08 4.87 2.45
C ASP A 204 10.62 5.08 1.95
N ALA A 205 9.87 4.01 1.72
CA ALA A 205 8.45 4.17 1.33
C ALA A 205 7.68 4.89 2.46
N VAL A 206 7.93 4.40 3.69
CA VAL A 206 7.29 4.99 4.87
C VAL A 206 7.70 6.44 4.99
N LEU A 207 8.98 6.74 4.85
CA LEU A 207 9.41 8.10 4.94
C LEU A 207 8.80 9.02 3.94
N ASN A 208 8.65 8.56 2.71
CA ASN A 208 8.03 9.40 1.68
C ASN A 208 6.63 9.85 2.09
N LEU A 209 5.85 8.97 2.69
CA LEU A 209 4.56 9.34 3.10
C LEU A 209 4.59 10.23 4.35
N CYS A 210 5.71 10.22 5.09
CA CYS A 210 5.86 11.05 6.31
C CYS A 210 6.64 12.36 6.05
N ARG A 211 6.72 12.73 4.79
CA ARG A 211 7.34 14.03 4.43
C ARG A 211 6.89 15.22 5.28
N VAL A 212 5.55 15.40 5.54
CA VAL A 212 5.08 16.59 6.25
C VAL A 212 5.53 16.58 7.72
N LYS A 213 5.85 15.40 8.24
CA LYS A 213 6.45 15.29 9.56
C LYS A 213 7.92 15.69 9.58
N LEU A 214 8.61 15.63 8.43
CA LEU A 214 9.98 16.14 8.36
C LEU A 214 9.85 17.66 8.17
N ARG A 215 8.81 18.10 7.47
CA ARG A 215 8.49 19.54 7.50
C ARG A 215 8.35 20.09 8.95
N ASP A 216 7.58 19.38 9.75
CA ASP A 216 7.27 19.82 11.12
C ASP A 216 8.43 19.71 12.04
N GLN A 217 9.28 18.74 11.80
CA GLN A 217 10.55 18.62 12.56
C GLN A 217 11.44 19.89 12.40
N GLN A 218 11.49 20.37 11.16
CA GLN A 218 12.26 21.57 10.86
C GLN A 218 11.63 22.77 11.45
N ARG A 219 10.29 22.83 11.41
CA ARG A 219 9.61 23.95 12.01
C ARG A 219 9.95 23.96 13.46
N LEU A 220 9.97 22.82 14.08
CA LEU A 220 10.07 22.69 15.55
C LEU A 220 11.51 23.00 16.04
N ASP A 221 12.47 22.61 15.19
CA ASP A 221 13.91 22.87 15.40
C ASP A 221 14.13 24.40 15.39
N LYS A 222 13.42 25.06 14.53
CA LYS A 222 13.56 26.49 14.39
C LYS A 222 12.82 27.35 15.42
N LEU A 223 11.62 26.96 15.82
N LEU A 223 11.61 26.95 15.79
CA LEU A 223 10.79 27.81 16.67
CA LEU A 223 10.74 27.78 16.62
C LEU A 223 10.63 27.27 18.03
C LEU A 223 10.60 27.26 18.01
N GLY A 224 10.74 25.94 18.21
CA GLY A 224 10.57 25.34 19.52
C GLY A 224 9.11 25.02 19.84
N TYR A 225 8.20 25.20 18.89
CA TYR A 225 6.76 24.93 19.10
C TYR A 225 6.12 24.77 17.70
N LEU A 226 4.98 24.13 17.69
CA LEU A 226 4.18 23.91 16.45
C LEU A 226 2.78 24.36 16.77
N GLU A 227 2.43 25.48 16.17
CA GLU A 227 1.29 26.27 16.58
C GLU A 227 -0.03 25.54 16.42
N GLU A 228 -0.14 24.67 15.43
CA GLU A 228 -1.33 23.97 15.13
C GLU A 228 -1.40 22.59 15.79
N TYR A 229 -0.33 22.13 16.43
CA TYR A 229 -0.37 20.91 17.17
C TYR A 229 -1.15 21.11 18.50
N PRO A 230 -1.72 20.04 19.04
CA PRO A 230 -2.52 20.10 20.27
C PRO A 230 -1.73 20.58 21.52
N GLN A 231 -0.42 20.36 21.57
CA GLN A 231 0.43 20.78 22.73
C GLN A 231 0.62 22.32 22.82
N TYR A 232 0.21 23.04 21.78
CA TYR A 232 0.22 24.47 21.77
C TYR A 232 -1.11 25.05 22.15
N PRO A 233 -1.18 26.01 23.07
CA PRO A 233 -0.05 26.59 23.74
C PRO A 233 0.09 26.15 25.18
N ASN A 234 -0.69 25.19 25.64
CA ASN A 234 -0.75 24.85 27.03
C ASN A 234 0.09 23.65 27.47
N GLY A 235 0.66 22.87 26.54
CA GLY A 235 1.42 21.71 26.89
C GLY A 235 2.82 21.98 26.47
N THR A 236 3.53 20.93 26.11
CA THR A 236 4.97 21.05 26.02
C THR A 236 5.51 20.30 24.83
N PHE A 237 6.46 20.94 24.14
CA PHE A 237 7.22 20.32 23.07
C PHE A 237 8.57 19.82 23.56
N GLY A 238 8.97 18.64 23.08
CA GLY A 238 10.29 18.07 23.28
C GLY A 238 11.12 18.28 22.01
N ASP A 239 12.17 17.51 21.83
CA ASP A 239 13.11 17.70 20.69
C ASP A 239 12.45 17.22 19.37
N ALA A 240 11.52 16.27 19.51
CA ALA A 240 10.96 15.61 18.32
C ALA A 240 9.52 15.93 18.06
N VAL A 241 9.12 15.87 16.80
CA VAL A 241 7.73 16.03 16.45
C VAL A 241 6.92 15.08 17.33
N PRO A 242 5.90 15.56 18.05
CA PRO A 242 5.09 14.66 18.88
C PRO A 242 3.85 14.03 18.18
N ARG A 243 3.25 13.08 18.90
CA ARG A 243 2.01 12.50 18.49
C ARG A 243 0.93 13.57 18.70
N GLY A 244 0.08 13.69 17.68
CA GLY A 244 -1.01 14.69 17.66
C GLY A 244 -2.46 14.21 17.81
N GLY A 245 -2.68 12.96 18.11
CA GLY A 245 -4.03 12.47 18.16
C GLY A 245 -4.61 12.47 16.72
N ASN A 246 -5.79 13.10 16.61
CA ASN A 246 -6.55 13.17 15.39
C ASN A 246 -6.44 14.54 14.70
N ALA A 247 -5.40 15.31 15.04
CA ALA A 247 -5.10 16.60 14.41
C ALA A 247 -5.02 16.45 12.86
N GLY A 248 -5.23 17.57 12.22
CA GLY A 248 -5.34 17.66 10.75
C GLY A 248 -4.07 17.27 10.02
N GLY A 249 -2.94 17.51 10.64
CA GLY A 249 -1.66 17.18 10.03
C GLY A 249 -1.18 18.15 8.96
N GLY A 250 -1.97 19.17 8.64
CA GLY A 250 -1.60 20.12 7.59
C GLY A 250 -1.98 21.53 7.99
N GLY A 251 -2.48 22.29 7.05
CA GLY A 251 -2.82 23.69 7.39
C GLY A 251 -4.29 23.91 7.74
N GLN A 252 -5.05 22.85 7.96
CA GLN A 252 -6.50 22.93 8.22
C GLN A 252 -6.86 22.02 9.38
N PRO A 253 -7.04 22.61 10.55
CA PRO A 253 -7.35 21.86 11.72
C PRO A 253 -8.53 20.94 11.45
N GLY A 254 -8.47 19.82 12.18
CA GLY A 254 -9.56 18.89 12.27
C GLY A 254 -9.51 17.94 13.44
N TRP A 255 -10.52 17.12 13.52
CA TRP A 255 -10.65 16.09 14.57
C TRP A 255 -11.68 15.03 14.20
N ILE A 256 -11.52 13.90 14.89
CA ILE A 256 -12.40 12.77 14.75
C ILE A 256 -13.48 13.01 15.81
N LEU A 257 -14.70 13.21 15.34
CA LEU A 257 -15.84 13.50 16.24
C LEU A 257 -16.82 12.39 16.38
N LYS A 258 -17.32 12.23 17.61
CA LYS A 258 -18.36 11.21 17.96
C LYS A 258 -19.68 11.55 17.34
N CYS A 259 -20.32 10.53 16.79
CA CYS A 259 -21.64 10.61 16.24
C CYS A 259 -22.52 9.70 17.10
N LYS A 260 -23.83 9.70 16.82
CA LYS A 260 -24.74 8.83 17.62
C LYS A 260 -24.37 7.33 17.47
N GLY A 261 -24.26 6.65 18.58
CA GLY A 261 -23.98 5.23 18.65
C GLY A 261 -22.57 4.91 19.13
N TRP A 262 -21.76 5.94 19.33
CA TRP A 262 -20.31 5.73 19.58
C TRP A 262 -20.03 4.86 20.78
N GLU A 263 -20.95 4.83 21.75
CA GLU A 263 -20.65 4.12 23.04
C GLU A 263 -20.52 2.66 22.74
N THR A 264 -21.24 2.27 21.73
CA THR A 264 -21.32 0.90 21.31
C THR A 264 -20.72 0.52 19.95
N ASP A 265 -20.71 1.46 19.03
CA ASP A 265 -20.25 1.20 17.67
C ASP A 265 -18.94 1.96 17.48
N PRO A 266 -17.86 1.23 17.37
CA PRO A 266 -16.54 1.87 17.27
C PRO A 266 -16.25 2.73 16.03
N ASN A 267 -17.18 2.80 15.09
CA ASN A 267 -17.09 3.51 13.84
C ASN A 267 -18.13 4.62 13.70
N ALA A 268 -18.86 4.89 14.81
CA ALA A 268 -19.91 5.90 14.85
C ALA A 268 -19.28 7.26 15.09
N TYR A 269 -18.54 7.71 14.06
CA TYR A 269 -17.69 8.90 14.12
C TYR A 269 -17.50 9.51 12.73
N ILE A 270 -17.19 10.78 12.67
CA ILE A 270 -16.71 11.43 11.46
C ILE A 270 -15.36 12.08 11.59
N TYR A 271 -14.81 12.46 10.46
CA TYR A 271 -13.69 13.35 10.40
C TYR A 271 -14.23 14.70 9.92
N PHE A 272 -14.00 15.71 10.76
CA PHE A 272 -14.48 17.09 10.54
C PHE A 272 -13.28 18.05 10.35
N THR A 273 -13.20 18.70 9.21
CA THR A 273 -12.20 19.79 8.96
C THR A 273 -12.69 21.18 9.10
N ILE A 274 -12.07 21.98 10.02
CA ILE A 274 -12.21 23.44 10.06
C ILE A 274 -11.35 24.15 9.02
N GLN A 275 -11.86 24.23 7.78
CA GLN A 275 -11.21 24.88 6.67
C GLN A 275 -11.28 26.42 6.83
N GLU A 276 -10.12 27.02 6.79
CA GLU A 276 -9.94 28.45 7.10
C GLU A 276 -10.83 29.36 6.29
N GLN A 277 -10.96 29.06 5.00
CA GLN A 277 -11.71 29.86 4.08
C GLN A 277 -13.22 29.53 4.09
N ASN A 278 -13.64 28.56 4.89
CA ASN A 278 -15.01 28.21 5.07
C ASN A 278 -15.48 28.44 6.52
N TRP A 279 -14.81 29.34 7.23
CA TRP A 279 -15.18 29.52 8.66
C TRP A 279 -16.62 30.00 8.80
N GLU A 280 -17.01 30.96 7.98
CA GLU A 280 -18.37 31.47 8.09
C GLU A 280 -19.45 30.41 7.89
N ASN A 281 -19.34 29.68 6.78
CA ASN A 281 -20.21 28.53 6.60
C ASN A 281 -20.23 27.59 7.76
N THR A 282 -19.05 27.35 8.38
CA THR A 282 -18.96 26.40 9.44
C THR A 282 -19.80 26.87 10.62
N CYS A 283 -19.67 28.18 10.87
CA CYS A 283 -20.42 28.88 11.89
C CYS A 283 -21.93 28.76 11.69
N LYS A 284 -22.36 28.96 10.46
CA LYS A 284 -23.76 28.78 10.07
C LYS A 284 -24.20 27.31 10.26
N ALA A 285 -23.35 26.35 9.87
CA ALA A 285 -23.66 24.93 10.04
C ALA A 285 -24.00 24.55 11.45
N ILE A 286 -23.28 25.13 12.44
CA ILE A 286 -23.42 24.76 13.84
C ILE A 286 -24.18 25.73 14.72
N GLY A 287 -24.73 26.77 14.11
CA GLY A 287 -25.57 27.72 14.84
C GLY A 287 -24.82 28.64 15.75
N LYS A 288 -23.63 29.05 15.31
CA LYS A 288 -22.80 30.01 16.04
C LYS A 288 -22.47 31.17 15.16
N PRO A 289 -23.48 31.85 14.64
CA PRO A 289 -23.22 33.00 13.75
C PRO A 289 -22.37 34.09 14.40
N GLU A 290 -22.54 34.28 15.71
CA GLU A 290 -21.68 35.17 16.52
C GLU A 290 -20.18 34.94 16.40
N TRP A 291 -19.81 33.66 16.17
CA TRP A 291 -18.40 33.33 15.94
C TRP A 291 -17.86 33.86 14.61
N ILE A 292 -18.75 34.37 13.76
CA ILE A 292 -18.25 34.89 12.45
C ILE A 292 -17.40 36.19 12.70
N THR A 293 -17.74 37.00 13.70
CA THR A 293 -17.03 38.26 13.86
C THR A 293 -16.33 38.47 15.22
N ASP A 294 -16.61 37.56 16.14
CA ASP A 294 -15.98 37.56 17.42
C ASP A 294 -14.46 37.35 17.19
N PRO A 295 -13.63 38.28 17.62
CA PRO A 295 -12.19 38.18 17.32
C PRO A 295 -11.54 36.99 17.97
N ALA A 296 -12.12 36.38 18.99
CA ALA A 296 -11.52 35.14 19.53
C ALA A 296 -11.70 33.93 18.55
N TYR A 297 -12.55 34.08 17.55
CA TYR A 297 -12.93 33.04 16.63
C TYR A 297 -12.75 33.35 15.16
N SER A 298 -12.55 34.60 14.76
CA SER A 298 -12.75 35.00 13.35
C SER A 298 -11.59 34.59 12.43
N THR A 299 -10.45 34.29 13.03
CA THR A 299 -9.25 33.86 12.31
C THR A 299 -8.69 32.61 12.94
N ALA A 300 -7.92 31.85 12.16
CA ALA A 300 -7.40 30.58 12.62
C ALA A 300 -6.44 30.75 13.77
N HIS A 301 -5.63 31.78 13.67
CA HIS A 301 -4.65 32.14 14.69
C HIS A 301 -5.37 32.39 16.05
N ALA A 302 -6.47 33.13 15.99
CA ALA A 302 -7.33 33.33 17.20
C ALA A 302 -8.01 32.10 17.71
N ARG A 303 -8.35 31.18 16.83
CA ARG A 303 -9.05 29.93 17.19
C ARG A 303 -8.16 28.93 17.85
N GLN A 304 -6.90 28.92 17.44
CA GLN A 304 -6.05 27.81 17.81
C GLN A 304 -5.96 27.51 19.30
N PRO A 305 -5.66 28.49 20.15
CA PRO A 305 -5.50 28.24 21.61
C PRO A 305 -6.72 27.66 22.29
N HIS A 306 -7.92 27.83 21.72
CA HIS A 306 -9.11 27.21 22.25
C HIS A 306 -9.83 26.32 21.21
N ILE A 307 -9.06 25.72 20.29
CA ILE A 307 -9.59 24.85 19.21
C ILE A 307 -10.40 23.67 19.71
N PHE A 308 -10.07 23.10 20.85
CA PHE A 308 -10.81 21.96 21.37
C PHE A 308 -12.19 22.29 21.94
N ASP A 309 -12.37 23.54 22.38
CA ASP A 309 -13.63 24.08 22.85
C ASP A 309 -14.45 24.23 21.57
N ILE A 310 -13.81 24.56 20.45
CA ILE A 310 -14.59 24.60 19.23
C ILE A 310 -15.05 23.18 18.75
N PHE A 311 -14.13 22.21 18.75
CA PHE A 311 -14.45 20.85 18.35
C PHE A 311 -15.55 20.31 19.31
N ALA A 312 -15.50 20.71 20.56
CA ALA A 312 -16.44 20.25 21.58
C ALA A 312 -17.85 20.75 21.28
N GLU A 313 -17.96 21.98 20.83
CA GLU A 313 -19.21 22.54 20.43
C GLU A 313 -19.77 21.84 19.18
N ILE A 314 -18.89 21.48 18.27
CA ILE A 314 -19.33 20.86 17.04
C ILE A 314 -19.82 19.46 17.39
N GLU A 315 -19.14 18.81 18.30
CA GLU A 315 -19.45 17.45 18.74
C GLU A 315 -20.77 17.34 19.53
N LYS A 316 -21.19 18.44 20.09
CA LYS A 316 -22.49 18.53 20.72
C LYS A 316 -23.58 18.31 19.72
N TYR A 317 -23.35 18.76 18.50
CA TYR A 317 -24.22 18.47 17.39
C TYR A 317 -24.00 16.98 16.94
N THR A 318 -22.73 16.59 16.60
CA THR A 318 -22.54 15.36 15.78
C THR A 318 -22.96 14.15 16.60
N VAL A 319 -22.79 14.23 17.91
CA VAL A 319 -23.10 13.11 18.80
C VAL A 319 -24.59 12.72 18.76
N THR A 320 -25.47 13.63 18.34
CA THR A 320 -26.93 13.43 18.32
C THR A 320 -27.46 12.74 17.08
N ILE A 321 -26.76 12.76 15.91
CA ILE A 321 -27.29 12.07 14.70
C ILE A 321 -26.32 10.99 14.23
N ASP A 322 -26.75 10.23 13.26
CA ASP A 322 -26.01 9.13 12.71
C ASP A 322 -24.94 9.85 11.87
N LYS A 323 -23.78 9.20 11.80
CA LYS A 323 -22.64 9.75 11.06
C LYS A 323 -22.96 10.09 9.63
N HIS A 324 -23.71 9.23 8.95
CA HIS A 324 -24.12 9.53 7.58
C HIS A 324 -25.03 10.77 7.39
N GLU A 325 -25.94 10.96 8.31
CA GLU A 325 -26.74 12.16 8.36
C GLU A 325 -25.90 13.39 8.72
N ALA A 326 -24.92 13.25 9.64
CA ALA A 326 -24.12 14.41 10.06
C ALA A 326 -23.40 14.96 8.79
N VAL A 327 -22.90 14.07 7.92
CA VAL A 327 -22.14 14.49 6.78
C VAL A 327 -23.11 15.06 5.77
N ALA A 328 -24.29 14.46 5.70
CA ALA A 328 -25.32 14.91 4.75
C ALA A 328 -25.66 16.36 4.99
N TYR A 329 -25.78 16.70 6.28
CA TYR A 329 -26.11 18.06 6.69
C TYR A 329 -24.91 18.98 6.49
N LEU A 330 -23.79 18.62 7.13
CA LEU A 330 -22.60 19.45 7.16
C LEU A 330 -21.99 19.75 5.82
N THR A 331 -22.04 18.78 4.91
CA THR A 331 -21.57 19.07 3.55
C THR A 331 -22.36 20.05 2.73
N GLN A 332 -23.59 20.39 3.13
CA GLN A 332 -24.30 21.42 2.39
C GLN A 332 -23.67 22.79 2.61
N PHE A 333 -22.91 22.90 3.69
CA PHE A 333 -22.16 24.08 4.00
C PHE A 333 -20.70 24.05 3.53
N ASP A 334 -20.42 23.15 2.61
CA ASP A 334 -19.15 22.96 2.01
C ASP A 334 -18.02 22.63 2.99
N ILE A 335 -18.36 22.00 4.10
CA ILE A 335 -17.39 21.51 5.04
C ILE A 335 -16.76 20.18 4.54
N PRO A 336 -15.40 20.08 4.57
CA PRO A 336 -14.67 18.79 4.42
C PRO A 336 -14.90 17.91 5.64
N CYS A 337 -15.64 16.87 5.34
CA CYS A 337 -15.93 15.85 6.27
C CYS A 337 -16.37 14.58 5.56
N ALA A 338 -16.24 13.55 6.32
CA ALA A 338 -16.69 12.23 5.92
C ALA A 338 -16.93 11.40 7.17
N PRO A 339 -17.64 10.31 6.97
CA PRO A 339 -17.82 9.36 8.08
C PRO A 339 -16.61 8.44 8.08
N VAL A 340 -16.34 7.91 9.24
CA VAL A 340 -15.37 6.86 9.43
C VAL A 340 -16.09 5.61 8.97
N LEU A 341 -15.74 5.20 7.78
CA LEU A 341 -16.34 4.03 7.23
C LEU A 341 -15.62 2.77 7.71
N SER A 342 -16.40 1.82 8.23
CA SER A 342 -15.91 0.53 8.63
C SER A 342 -15.59 -0.32 7.42
N MET A 343 -14.83 -1.37 7.63
CA MET A 343 -14.54 -2.29 6.53
C MET A 343 -15.75 -3.04 5.97
N LYS A 344 -16.72 -3.27 6.84
CA LYS A 344 -17.98 -3.79 6.49
C LYS A 344 -18.72 -2.86 5.54
N GLU A 345 -18.83 -1.60 5.88
CA GLU A 345 -19.42 -0.62 4.98
C GLU A 345 -18.70 -0.56 3.65
N ILE A 346 -17.40 -0.60 3.67
CA ILE A 346 -16.67 -0.51 2.43
C ILE A 346 -16.93 -1.74 1.52
N SER A 347 -16.96 -2.92 2.16
CA SER A 347 -17.11 -4.17 1.46
C SER A 347 -18.46 -4.26 0.69
N LEU A 348 -19.48 -3.56 1.20
CA LEU A 348 -20.82 -3.55 0.63
C LEU A 348 -21.21 -2.27 -0.13
N ASP A 349 -20.33 -1.26 -0.15
CA ASP A 349 -20.66 0.01 -0.80
C ASP A 349 -20.90 -0.15 -2.29
N PRO A 350 -22.11 0.24 -2.81
CA PRO A 350 -22.40 0.12 -4.24
C PRO A 350 -21.54 1.03 -5.11
N SER A 351 -21.16 2.22 -4.66
CA SER A 351 -20.33 3.07 -5.54
C SER A 351 -18.93 2.53 -5.69
N LEU A 352 -18.41 1.84 -4.69
CA LEU A 352 -17.07 1.27 -4.82
C LEU A 352 -17.11 0.07 -5.76
N ARG A 353 -18.27 -0.63 -5.76
CA ARG A 353 -18.48 -1.70 -6.72
C ARG A 353 -18.53 -1.08 -8.12
N GLN A 354 -19.34 -0.03 -8.24
CA GLN A 354 -19.52 0.66 -9.52
C GLN A 354 -18.23 1.27 -10.11
N SER A 355 -17.36 1.73 -9.23
CA SER A 355 -16.12 2.37 -9.63
C SER A 355 -15.02 1.36 -9.90
N GLY A 356 -15.24 0.08 -9.54
CA GLY A 356 -14.28 -0.98 -9.74
C GLY A 356 -13.15 -0.93 -8.69
N SER A 357 -13.47 -0.32 -7.56
CA SER A 357 -12.53 -0.22 -6.43
C SER A 357 -12.60 -1.40 -5.52
N VAL A 358 -13.81 -1.87 -5.23
CA VAL A 358 -14.03 -3.17 -4.55
C VAL A 358 -14.61 -4.08 -5.64
N VAL A 359 -13.98 -5.23 -5.82
CA VAL A 359 -14.25 -6.04 -7.01
C VAL A 359 -14.51 -7.50 -6.60
N GLU A 360 -15.53 -8.11 -7.21
CA GLU A 360 -15.79 -9.56 -6.97
C GLU A 360 -15.09 -10.36 -8.01
N VAL A 361 -14.44 -11.40 -7.59
CA VAL A 361 -13.70 -12.34 -8.38
C VAL A 361 -14.06 -13.75 -8.00
N GLU A 362 -14.14 -14.62 -8.99
CA GLU A 362 -14.38 -16.00 -8.82
C GLU A 362 -13.09 -16.74 -8.74
N GLN A 363 -12.82 -17.38 -7.64
CA GLN A 363 -11.60 -18.12 -7.47
C GLN A 363 -11.94 -19.63 -7.56
N PRO A 364 -11.22 -20.39 -8.34
CA PRO A 364 -11.41 -21.88 -8.31
C PRO A 364 -11.33 -22.40 -6.91
N LEU A 365 -12.19 -23.36 -6.62
CA LEU A 365 -12.25 -24.04 -5.32
C LEU A 365 -12.81 -23.19 -4.17
N ARG A 366 -12.76 -21.90 -4.36
CA ARG A 366 -13.24 -21.04 -3.29
C ARG A 366 -14.56 -20.36 -3.62
N GLY A 367 -14.78 -20.07 -4.87
CA GLY A 367 -15.97 -19.33 -5.22
C GLY A 367 -15.63 -17.83 -5.21
N LYS A 368 -16.56 -16.99 -4.79
CA LYS A 368 -16.37 -15.58 -4.87
C LYS A 368 -15.54 -15.03 -3.65
N TYR A 369 -14.69 -14.05 -3.96
CA TYR A 369 -14.08 -13.21 -2.94
C TYR A 369 -14.10 -11.78 -3.40
N LEU A 370 -13.77 -10.88 -2.46
CA LEU A 370 -13.59 -9.46 -2.74
C LEU A 370 -12.15 -9.03 -2.80
N THR A 371 -11.81 -8.19 -3.76
CA THR A 371 -10.47 -7.62 -3.72
C THR A 371 -10.55 -6.11 -3.95
N VAL A 372 -9.49 -5.37 -3.63
CA VAL A 372 -9.41 -4.02 -4.06
C VAL A 372 -8.90 -4.02 -5.47
N GLY A 373 -9.58 -3.27 -6.33
CA GLY A 373 -9.27 -3.31 -7.78
C GLY A 373 -8.17 -2.32 -8.10
N CYS A 374 -8.03 -2.06 -9.37
CA CYS A 374 -7.05 -1.09 -9.87
C CYS A 374 -7.45 0.32 -9.39
N PRO A 375 -6.66 0.92 -8.49
CA PRO A 375 -7.08 2.11 -7.78
C PRO A 375 -7.23 3.34 -8.65
N MET A 376 -6.38 3.56 -9.66
CA MET A 376 -6.52 4.68 -10.60
C MET A 376 -7.32 4.22 -11.83
N LYS A 377 -8.06 5.14 -12.44
CA LYS A 377 -9.05 4.87 -13.47
C LYS A 377 -8.58 5.51 -14.75
N PHE A 378 -8.63 4.77 -15.87
CA PHE A 378 -8.07 5.22 -17.19
C PHE A 378 -9.18 5.29 -18.24
N SER A 379 -9.14 6.33 -19.02
CA SER A 379 -10.20 6.46 -19.96
C SER A 379 -10.03 5.55 -21.17
N ALA A 380 -8.82 5.00 -21.36
CA ALA A 380 -8.47 4.24 -22.57
C ALA A 380 -8.50 2.76 -22.35
N PHE A 381 -8.55 2.32 -21.07
CA PHE A 381 -8.73 0.89 -20.80
C PHE A 381 -9.24 0.66 -19.37
N THR A 382 -9.73 -0.56 -19.20
CA THR A 382 -10.24 -0.97 -17.92
C THR A 382 -9.69 -2.35 -17.68
N PRO A 383 -9.02 -2.56 -16.56
CA PRO A 383 -8.50 -3.87 -16.25
C PRO A 383 -9.60 -4.86 -15.88
N ASP A 384 -9.39 -6.11 -16.21
CA ASP A 384 -10.30 -7.17 -15.91
C ASP A 384 -9.60 -7.94 -14.82
N ILE A 385 -10.17 -7.89 -13.64
CA ILE A 385 -9.51 -8.53 -12.50
C ILE A 385 -9.95 -9.95 -12.39
N LYS A 386 -8.97 -10.83 -12.46
CA LYS A 386 -9.19 -12.27 -12.58
C LYS A 386 -8.67 -13.02 -11.37
N ALA A 387 -8.90 -14.33 -11.32
CA ALA A 387 -8.56 -15.17 -10.17
C ALA A 387 -7.02 -15.24 -10.05
N ALA A 388 -6.62 -15.73 -8.88
CA ALA A 388 -5.22 -15.91 -8.63
C ALA A 388 -4.92 -17.34 -9.09
N PRO A 389 -3.67 -17.61 -9.40
CA PRO A 389 -3.30 -18.94 -9.82
C PRO A 389 -3.17 -19.99 -8.75
N LEU A 390 -3.51 -21.22 -9.05
CA LEU A 390 -3.25 -22.30 -8.08
C LEU A 390 -1.80 -22.60 -8.19
N LEU A 391 -1.24 -23.25 -7.17
CA LEU A 391 0.19 -23.43 -7.16
C LEU A 391 0.71 -24.30 -8.31
N GLY A 392 1.65 -23.83 -9.10
CA GLY A 392 2.11 -24.63 -10.24
C GLY A 392 1.11 -24.83 -11.37
N GLU A 393 0.06 -24.02 -11.41
CA GLU A 393 -0.99 -24.18 -12.41
C GLU A 393 -0.46 -24.04 -13.85
N HIS A 394 0.54 -23.19 -14.03
CA HIS A 394 1.11 -22.90 -15.33
C HIS A 394 2.52 -23.35 -15.54
N THR A 395 3.00 -24.25 -14.73
CA THR A 395 4.34 -24.74 -14.93
C THR A 395 4.56 -25.25 -16.34
N ALA A 396 3.69 -26.16 -16.75
CA ALA A 396 3.79 -26.79 -18.05
C ALA A 396 3.78 -25.78 -19.17
N ALA A 397 2.78 -24.91 -19.18
CA ALA A 397 2.68 -23.86 -20.22
C ALA A 397 3.91 -23.00 -20.27
N VAL A 398 4.45 -22.59 -19.12
CA VAL A 398 5.57 -21.71 -19.12
C VAL A 398 6.82 -22.44 -19.57
N LEU A 399 6.95 -23.69 -19.16
CA LEU A 399 8.03 -24.47 -19.74
C LEU A 399 7.89 -24.70 -21.27
N GLN A 400 6.70 -24.91 -21.78
CA GLN A 400 6.60 -25.11 -23.22
C GLN A 400 6.99 -23.84 -23.89
N GLU A 401 6.69 -22.66 -23.26
CA GLU A 401 6.98 -21.40 -23.93
C GLU A 401 8.46 -21.20 -24.00
N LEU A 402 9.19 -21.80 -23.07
CA LEU A 402 10.63 -21.72 -23.06
C LEU A 402 11.28 -22.71 -24.05
N GLY A 403 10.52 -23.49 -24.79
CA GLY A 403 11.11 -24.54 -25.61
C GLY A 403 11.13 -25.97 -25.05
N TYR A 404 10.87 -26.20 -23.78
CA TYR A 404 10.82 -27.56 -23.28
C TYR A 404 9.72 -28.38 -23.91
N SER A 405 10.02 -29.65 -24.21
CA SER A 405 9.06 -30.56 -24.86
C SER A 405 8.18 -31.11 -23.77
N ASP A 406 7.10 -31.73 -24.17
CA ASP A 406 6.25 -32.48 -23.22
C ASP A 406 6.91 -33.53 -22.36
N ASP A 407 7.83 -34.29 -22.96
CA ASP A 407 8.57 -35.35 -22.24
C ASP A 407 9.55 -34.74 -21.28
N GLU A 408 10.11 -33.61 -21.67
CA GLU A 408 11.07 -32.94 -20.84
C GLU A 408 10.36 -32.53 -19.58
N ILE A 409 9.23 -31.92 -19.77
CA ILE A 409 8.40 -31.41 -18.68
C ILE A 409 8.03 -32.57 -17.79
N ALA A 410 7.58 -33.64 -18.41
CA ALA A 410 7.11 -34.82 -17.66
C ALA A 410 8.27 -35.41 -16.90
N ALA A 411 9.46 -35.44 -17.53
CA ALA A 411 10.63 -35.92 -16.86
C ALA A 411 11.05 -35.07 -15.69
N MET A 412 11.06 -33.75 -15.85
CA MET A 412 11.40 -32.88 -14.69
C MET A 412 10.38 -33.07 -13.55
N LYS A 413 9.10 -33.24 -13.82
CA LYS A 413 8.11 -33.37 -12.71
C LYS A 413 8.31 -34.67 -12.01
N GLN A 414 8.50 -35.73 -12.82
CA GLN A 414 8.68 -37.08 -12.29
C GLN A 414 9.89 -37.13 -11.39
N ASN A 415 11.01 -36.64 -11.89
CA ASN A 415 12.25 -36.61 -11.12
C ASN A 415 12.07 -35.88 -9.78
N HIS A 416 11.33 -34.79 -9.82
CA HIS A 416 11.08 -33.99 -8.65
C HIS A 416 10.24 -34.80 -7.67
N ALA A 417 9.25 -35.52 -8.20
CA ALA A 417 8.34 -36.31 -7.36
C ALA A 417 9.13 -37.46 -6.73
N ILE A 418 10.10 -37.96 -7.49
CA ILE A 418 10.86 -39.13 -7.11
C ILE A 418 11.89 -38.81 -6.03
N GLU A 419 12.19 -37.54 -5.79
CA GLU A 419 13.20 -37.12 -4.80
C GLU A 419 12.67 -36.96 -3.35
#